data_3HM0
#
_entry.id   3HM0
#
_cell.length_a   62.639
_cell.length_b   87.853
_cell.length_c   96.910
_cell.angle_alpha   90.000
_cell.angle_beta   90.000
_cell.angle_gamma   90.000
#
_symmetry.space_group_name_H-M   'P 21 21 21'
#
loop_
_entity.id
_entity.type
_entity.pdbx_description
1 polymer 'Probable Thioesterase'
2 water water
#
_entity_poly.entity_id   1
_entity_poly.type   'polypeptide(L)'
_entity_poly.pdbx_seq_one_letter_code
;MAHHHHHHMGTLEAQTQGPGSMLEKKTFKSSHTNAFHDFQARVYVADTDFSGVVYHARYLEFFERGRSEFLRDTGFNNTL
LASGVEGEKLFFVVRHMEINFSRPAQIDNLLTIKTRISRLQGARFFMEQYILHGESMLVTAKVEIALINEEGKPRRLPKE
LFSTIVV
;
_entity_poly.pdbx_strand_id   A,B,C,D
#
# COMPACT_ATOMS: atom_id res chain seq x y z
N ASN A 34 -2.72 5.45 33.51
CA ASN A 34 -2.73 4.88 32.14
C ASN A 34 -2.59 5.94 31.03
N ALA A 35 -1.35 6.34 30.75
CA ALA A 35 -1.06 7.42 29.81
C ALA A 35 -1.19 7.00 28.34
N PHE A 36 -1.35 7.98 27.47
CA PHE A 36 -1.28 7.78 26.01
C PHE A 36 0.16 7.78 25.54
N HIS A 37 0.60 6.70 24.90
CA HIS A 37 1.92 6.69 24.28
C HIS A 37 1.90 7.54 23.03
N ASP A 38 2.95 8.34 22.86
CA ASP A 38 3.07 9.26 21.73
C ASP A 38 4.08 8.77 20.70
N PHE A 39 3.66 8.80 19.44
CA PHE A 39 4.54 8.51 18.31
C PHE A 39 4.29 9.44 17.10
N GLN A 40 5.37 9.93 16.50
CA GLN A 40 5.26 10.83 15.38
C GLN A 40 5.59 10.17 14.04
N ALA A 41 4.89 10.58 13.00
CA ALA A 41 5.24 10.20 11.63
C ALA A 41 4.93 11.36 10.71
N ARG A 42 5.74 11.47 9.67
CA ARG A 42 5.59 12.48 8.63
C ARG A 42 4.70 11.93 7.48
N VAL A 43 4.02 12.83 6.78
CA VAL A 43 3.24 12.43 5.62
C VAL A 43 4.06 12.70 4.37
N TYR A 44 4.19 11.66 3.57
CA TYR A 44 4.91 11.71 2.32
C TYR A 44 3.97 11.52 1.14
N VAL A 45 4.48 11.62 -0.09
CA VAL A 45 3.62 11.53 -1.28
C VAL A 45 2.81 10.23 -1.30
N ALA A 46 3.45 9.14 -0.87
CA ALA A 46 2.86 7.81 -0.81
C ALA A 46 1.55 7.80 -0.02
N ASP A 47 1.44 8.68 0.97
CA ASP A 47 0.31 8.63 1.89
C ASP A 47 -0.94 9.32 1.33
N THR A 48 -0.77 10.05 0.23
CA THR A 48 -1.78 10.97 -0.26
C THR A 48 -2.59 10.38 -1.40
N ASP A 49 -3.74 11.00 -1.66
CA ASP A 49 -4.54 10.65 -2.84
C ASP A 49 -4.82 11.83 -3.76
N PHE A 50 -5.54 11.57 -4.84
CA PHE A 50 -5.85 12.64 -5.78
C PHE A 50 -6.67 13.81 -5.20
N SER A 51 -7.27 13.65 -4.03
CA SER A 51 -8.06 14.74 -3.44
C SER A 51 -7.18 15.70 -2.69
N GLY A 52 -5.87 15.44 -2.68
CA GLY A 52 -4.91 16.38 -2.12
C GLY A 52 -4.39 16.08 -0.73
N VAL A 53 -4.94 15.05 -0.08
CA VAL A 53 -4.63 14.79 1.33
C VAL A 53 -4.44 13.30 1.60
N VAL A 54 -4.25 12.92 2.85
CA VAL A 54 -3.92 11.52 3.16
C VAL A 54 -5.05 10.58 2.76
N TYR A 55 -4.74 9.52 2.02
CA TYR A 55 -5.75 8.53 1.62
C TYR A 55 -6.30 7.90 2.90
N HIS A 56 -7.59 7.53 2.89
CA HIS A 56 -8.26 7.14 4.14
C HIS A 56 -7.66 5.87 4.75
N ALA A 57 -7.29 4.92 3.91
CA ALA A 57 -6.69 3.66 4.40
C ALA A 57 -5.27 3.82 4.95
N ARG A 58 -4.56 4.89 4.58
CA ARG A 58 -3.20 5.08 5.11
C ARG A 58 -3.22 5.44 6.60
N TYR A 59 -4.29 6.09 7.06
CA TYR A 59 -4.45 6.34 8.51
C TYR A 59 -4.39 5.05 9.30
N LEU A 60 -4.90 3.96 8.75
CA LEU A 60 -4.78 2.66 9.41
C LEU A 60 -3.32 2.15 9.48
N GLU A 61 -2.48 2.54 8.53
CA GLU A 61 -1.05 2.23 8.62
C GLU A 61 -0.42 2.98 9.75
N PHE A 62 -0.77 4.26 9.88
CA PHE A 62 -0.28 5.08 10.97
C PHE A 62 -0.75 4.55 12.34
N PHE A 63 -2.01 4.16 12.44
CA PHE A 63 -2.52 3.53 13.68
C PHE A 63 -1.76 2.26 14.03
N GLU A 64 -1.46 1.43 13.01
CA GLU A 64 -0.63 0.23 13.17
C GLU A 64 0.78 0.55 13.74
N ARG A 65 1.41 1.62 13.24
CA ARG A 65 2.68 2.12 13.79
C ARG A 65 2.56 2.44 15.29
N GLY A 66 1.45 3.07 15.67
CA GLY A 66 1.20 3.42 17.06
C GLY A 66 1.17 2.18 17.93
N ARG A 67 0.39 1.18 17.50
CA ARG A 67 0.23 -0.07 18.23
C ARG A 67 1.54 -0.83 18.30
N SER A 68 2.23 -1.00 17.18
CA SER A 68 3.53 -1.69 17.17
C SER A 68 4.56 -1.04 18.09
N GLU A 69 4.53 0.28 18.18
CA GLU A 69 5.50 1.02 18.97
C GLU A 69 5.16 0.91 20.45
N PHE A 70 3.86 0.75 20.72
CA PHE A 70 3.38 0.47 22.06
C PHE A 70 3.94 -0.90 22.47
N LEU A 71 3.72 -1.90 21.61
CA LEU A 71 4.14 -3.27 21.89
C LEU A 71 5.64 -3.37 22.13
N ARG A 72 6.43 -2.65 21.34
CA ARG A 72 7.88 -2.66 21.50
C ARG A 72 8.30 -1.90 22.76
N ASP A 73 7.51 -0.88 23.14
CA ASP A 73 7.81 -0.05 24.32
C ASP A 73 7.83 -0.87 25.59
N THR A 74 7.33 -2.10 25.47
CA THR A 74 7.12 -2.99 26.60
C THR A 74 7.99 -4.23 26.47
N GLY A 75 7.96 -4.89 25.31
CA GLY A 75 8.81 -6.03 25.08
C GLY A 75 8.48 -6.98 23.95
N PHE A 76 7.21 -7.35 23.79
CA PHE A 76 6.86 -8.44 22.86
C PHE A 76 6.62 -7.98 21.41
N ASN A 77 7.69 -7.74 20.65
CA ASN A 77 7.52 -7.30 19.25
C ASN A 77 6.93 -8.37 18.31
N ASN A 78 6.67 -8.00 17.07
CA ASN A 78 6.00 -8.90 16.13
C ASN A 78 6.88 -10.07 15.71
N THR A 79 8.19 -9.83 15.66
CA THR A 79 9.19 -10.86 15.39
C THR A 79 9.26 -11.89 16.53
N LEU A 80 9.16 -11.42 17.78
CA LEU A 80 9.23 -12.32 18.93
C LEU A 80 8.04 -13.27 18.97
N LEU A 81 6.84 -12.71 18.89
CA LEU A 81 5.61 -13.50 18.78
C LEU A 81 5.59 -14.43 17.56
N ALA A 82 6.11 -13.96 16.43
CA ALA A 82 6.11 -14.76 15.20
C ALA A 82 7.18 -15.83 15.17
N SER A 83 8.20 -15.70 16.01
CA SER A 83 9.39 -16.55 15.92
C SER A 83 9.10 -18.00 16.26
N GLY A 84 8.20 -18.22 17.21
CA GLY A 84 7.91 -19.55 17.71
C GLY A 84 8.35 -19.73 19.16
N VAL A 85 9.04 -18.71 19.69
CA VAL A 85 9.63 -18.77 21.02
C VAL A 85 8.67 -19.20 22.12
N GLU A 86 7.41 -18.81 21.99
CA GLU A 86 6.36 -19.07 22.97
C GLU A 86 5.84 -20.52 22.86
N GLY A 87 6.34 -21.27 21.89
CA GLY A 87 5.86 -22.65 21.70
C GLY A 87 5.24 -22.85 20.33
N GLU A 88 4.50 -21.84 19.88
CA GLU A 88 4.02 -21.74 18.49
C GLU A 88 4.14 -20.29 18.01
N LYS A 89 4.04 -20.09 16.70
CA LYS A 89 4.08 -18.75 16.14
C LYS A 89 2.75 -18.06 16.39
N LEU A 90 2.82 -16.76 16.68
CA LEU A 90 1.65 -16.02 17.15
C LEU A 90 1.59 -14.67 16.50
N PHE A 91 0.39 -14.23 16.14
CA PHE A 91 0.21 -12.97 15.43
C PHE A 91 -0.96 -12.23 16.02
N PHE A 92 -0.82 -10.92 16.14
CA PHE A 92 -1.96 -10.06 16.42
C PHE A 92 -2.90 -9.99 15.22
N VAL A 93 -4.18 -9.77 15.49
CA VAL A 93 -5.17 -9.61 14.44
C VAL A 93 -6.18 -8.59 14.90
N VAL A 94 -6.48 -7.66 14.00
CA VAL A 94 -7.57 -6.74 14.19
C VAL A 94 -8.88 -7.50 14.00
N ARG A 95 -9.72 -7.46 15.02
CA ARG A 95 -11.00 -8.10 14.98
C ARG A 95 -12.12 -7.12 14.61
N HIS A 96 -12.08 -5.95 15.23
CA HIS A 96 -13.05 -4.93 14.93
C HIS A 96 -12.34 -3.59 15.03
N MET A 97 -12.78 -2.66 14.21
CA MET A 97 -12.22 -1.32 14.22
C MET A 97 -13.34 -0.29 13.91
N GLU A 98 -13.33 0.82 14.64
CA GLU A 98 -14.20 1.96 14.39
C GLU A 98 -13.35 3.17 14.13
N ILE A 99 -13.50 3.78 12.96
CA ILE A 99 -12.75 4.99 12.65
C ILE A 99 -13.64 6.19 12.35
N ASN A 100 -13.25 7.31 12.92
CA ASN A 100 -13.86 8.58 12.61
C ASN A 100 -12.88 9.49 11.88
N PHE A 101 -13.22 9.90 10.66
CA PHE A 101 -12.35 10.81 9.89
C PHE A 101 -12.84 12.27 9.94
N SER A 102 -12.33 13.04 10.90
CA SER A 102 -12.84 14.41 11.11
C SER A 102 -12.18 15.46 10.22
N ARG A 103 -10.85 15.45 10.20
CA ARG A 103 -10.09 16.48 9.55
C ARG A 103 -8.96 15.82 8.79
N PRO A 104 -8.52 16.44 7.69
CA PRO A 104 -7.54 15.79 6.85
C PRO A 104 -6.09 16.12 7.22
N ALA A 105 -5.19 15.15 7.02
CA ALA A 105 -3.75 15.44 7.13
C ALA A 105 -3.22 15.84 5.77
N GLN A 106 -2.33 16.81 5.75
CA GLN A 106 -1.76 17.36 4.51
C GLN A 106 -0.36 16.80 4.27
N ILE A 107 0.11 16.91 3.02
CA ILE A 107 1.47 16.55 2.65
C ILE A 107 2.46 17.22 3.57
N ASP A 108 3.46 16.45 3.98
CA ASP A 108 4.49 16.96 4.87
C ASP A 108 4.07 17.24 6.31
N ASN A 109 2.79 17.10 6.65
CA ASN A 109 2.38 17.25 8.06
C ASN A 109 3.17 16.31 8.94
N LEU A 110 3.43 16.77 10.15
CA LEU A 110 4.00 15.93 11.17
C LEU A 110 2.88 15.47 12.09
N LEU A 111 2.68 14.16 12.13
CA LEU A 111 1.55 13.58 12.86
C LEU A 111 1.97 13.07 14.24
N THR A 112 1.09 13.29 15.22
CA THR A 112 1.19 12.70 16.55
C THR A 112 0.14 11.59 16.65
N ILE A 113 0.60 10.39 16.99
CA ILE A 113 -0.27 9.23 17.10
C ILE A 113 -0.35 8.84 18.58
N LYS A 114 -1.57 8.83 19.13
CA LYS A 114 -1.78 8.50 20.54
C LYS A 114 -2.47 7.16 20.73
N THR A 115 -1.85 6.31 21.53
CA THR A 115 -2.28 4.94 21.68
C THR A 115 -2.24 4.55 23.15
N ARG A 116 -3.29 3.89 23.62
CA ARG A 116 -3.24 3.22 24.89
C ARG A 116 -4.19 2.02 24.85
N ILE A 117 -3.90 1.01 25.67
CA ILE A 117 -4.83 -0.07 25.89
C ILE A 117 -5.91 0.49 26.81
N SER A 118 -7.16 0.11 26.57
CA SER A 118 -8.26 0.60 27.38
C SER A 118 -9.05 -0.54 28.04
N ARG A 119 -8.89 -1.77 27.53
CA ARG A 119 -9.50 -2.98 28.10
C ARG A 119 -8.70 -4.22 27.74
N LEU A 120 -8.36 -5.01 28.76
CA LEU A 120 -7.71 -6.31 28.61
C LEU A 120 -8.77 -7.38 28.87
N GLN A 121 -8.59 -8.58 28.33
CA GLN A 121 -9.55 -9.68 28.52
C GLN A 121 -8.94 -11.07 28.35
N GLY A 122 -7.61 -11.16 28.46
CA GLY A 122 -6.92 -12.46 28.43
C GLY A 122 -6.82 -13.19 27.10
N ALA A 123 -7.72 -12.87 26.15
CA ALA A 123 -7.61 -13.32 24.74
C ALA A 123 -7.92 -12.21 23.69
N ARG A 124 -8.49 -11.09 24.15
CA ARG A 124 -8.78 -9.91 23.32
C ARG A 124 -8.26 -8.71 24.11
N PHE A 125 -7.81 -7.67 23.42
CA PHE A 125 -7.64 -6.38 24.09
C PHE A 125 -8.09 -5.21 23.21
N PHE A 126 -8.34 -4.06 23.85
CA PHE A 126 -9.05 -2.96 23.23
C PHE A 126 -8.23 -1.66 23.29
N MET A 127 -8.02 -1.04 22.13
CA MET A 127 -7.22 0.17 22.06
C MET A 127 -8.00 1.41 21.60
N GLU A 128 -7.61 2.56 22.14
CA GLU A 128 -8.15 3.84 21.71
C GLU A 128 -6.99 4.60 21.10
N GLN A 129 -7.10 4.91 19.82
CA GLN A 129 -6.02 5.60 19.11
C GLN A 129 -6.49 6.92 18.57
N TYR A 130 -5.60 7.91 18.53
CA TYR A 130 -5.89 9.24 18.02
C TYR A 130 -4.78 9.74 17.09
N ILE A 131 -5.16 10.51 16.07
CA ILE A 131 -4.18 11.14 15.20
C ILE A 131 -4.40 12.65 15.16
N LEU A 132 -3.40 13.39 15.63
CA LEU A 132 -3.45 14.85 15.62
C LEU A 132 -2.35 15.42 14.75
N HIS A 133 -2.62 16.60 14.22
CA HIS A 133 -1.59 17.45 13.71
C HIS A 133 -1.49 18.68 14.63
N GLY A 134 -0.44 18.73 15.44
CA GLY A 134 -0.33 19.70 16.52
C GLY A 134 -1.41 19.44 17.56
N GLU A 135 -2.31 20.41 17.68
CA GLU A 135 -3.42 20.37 18.62
C GLU A 135 -4.73 20.12 17.90
N SER A 136 -4.63 19.78 16.63
CA SER A 136 -5.81 19.54 15.83
C SER A 136 -6.07 18.04 15.67
N MET A 137 -7.22 17.59 16.18
CA MET A 137 -7.63 16.19 16.06
C MET A 137 -8.10 15.90 14.65
N LEU A 138 -7.53 14.87 14.01
CA LEU A 138 -7.85 14.53 12.63
C LEU A 138 -8.70 13.26 12.51
N VAL A 139 -8.23 12.18 13.14
CA VAL A 139 -8.84 10.89 13.01
C VAL A 139 -8.80 10.22 14.37
N THR A 140 -9.82 9.43 14.71
CA THR A 140 -9.85 8.73 16.01
C THR A 140 -10.30 7.30 15.78
N ALA A 141 -9.88 6.36 16.62
CA ALA A 141 -10.25 4.97 16.39
C ALA A 141 -10.35 4.09 17.64
N LYS A 142 -11.29 3.14 17.60
CA LYS A 142 -11.41 2.11 18.60
C LYS A 142 -11.11 0.79 17.92
N VAL A 143 -10.17 0.05 18.49
CA VAL A 143 -9.67 -1.13 17.83
C VAL A 143 -9.76 -2.30 18.78
N GLU A 144 -10.22 -3.43 18.28
CA GLU A 144 -10.19 -4.69 19.01
C GLU A 144 -9.15 -5.65 18.41
N ILE A 145 -8.22 -6.11 19.24
CA ILE A 145 -7.11 -6.97 18.82
C ILE A 145 -7.15 -8.34 19.48
N ALA A 146 -7.12 -9.39 18.68
CA ALA A 146 -6.95 -10.75 19.17
C ALA A 146 -5.56 -11.30 18.83
N LEU A 147 -5.24 -12.47 19.41
CA LEU A 147 -3.94 -13.13 19.23
C LEU A 147 -4.17 -14.51 18.64
N ILE A 148 -3.59 -14.81 17.48
CA ILE A 148 -3.83 -16.10 16.85
C ILE A 148 -2.56 -16.79 16.42
N ASN A 149 -2.66 -18.11 16.24
CA ASN A 149 -1.53 -18.90 15.75
C ASN A 149 -1.56 -19.08 14.23
N GLU A 150 -0.51 -19.71 13.70
CA GLU A 150 -0.30 -19.88 12.27
C GLU A 150 -1.52 -20.49 11.54
N GLU A 151 -2.34 -21.20 12.32
CA GLU A 151 -3.54 -21.87 11.82
C GLU A 151 -4.80 -21.02 12.00
N GLY A 152 -4.65 -19.80 12.52
CA GLY A 152 -5.80 -18.91 12.72
C GLY A 152 -6.65 -19.25 13.93
N LYS A 153 -6.21 -20.20 14.74
CA LYS A 153 -6.90 -20.49 16.00
C LYS A 153 -6.51 -19.47 17.07
N PRO A 154 -7.49 -18.95 17.84
CA PRO A 154 -7.24 -17.99 18.92
C PRO A 154 -6.45 -18.57 20.08
N ARG A 155 -5.70 -17.71 20.76
CA ARG A 155 -4.82 -18.09 21.87
C ARG A 155 -4.88 -17.02 22.95
N ARG A 156 -4.63 -17.40 24.19
CA ARG A 156 -4.70 -16.45 25.30
C ARG A 156 -3.53 -15.47 25.28
N LEU A 157 -3.77 -14.24 25.72
CA LEU A 157 -2.71 -13.25 25.87
C LEU A 157 -1.69 -13.68 26.95
N PRO A 158 -0.38 -13.47 26.68
CA PRO A 158 0.67 -13.80 27.65
C PRO A 158 0.90 -12.74 28.74
N LYS A 159 1.38 -13.20 29.91
CA LYS A 159 1.88 -12.34 31.00
C LYS A 159 0.81 -11.45 31.61
N ALA B 35 -30.83 -4.48 -3.86
CA ALA B 35 -29.90 -5.61 -3.57
C ALA B 35 -28.45 -5.13 -3.47
N PHE B 36 -27.58 -6.05 -3.10
CA PHE B 36 -26.16 -5.77 -3.11
C PHE B 36 -25.68 -5.93 -4.51
N HIS B 37 -24.90 -4.94 -4.97
CA HIS B 37 -24.12 -5.06 -6.18
C HIS B 37 -22.90 -5.94 -5.91
N ASP B 38 -22.56 -6.79 -6.88
CA ASP B 38 -21.43 -7.69 -6.76
C ASP B 38 -20.29 -7.20 -7.63
N PHE B 39 -19.07 -7.31 -7.09
CA PHE B 39 -17.84 -7.04 -7.82
C PHE B 39 -16.67 -7.90 -7.29
N GLN B 40 -15.87 -8.44 -8.22
CA GLN B 40 -14.80 -9.36 -7.86
C GLN B 40 -13.40 -8.78 -8.04
N ALA B 41 -12.45 -9.28 -7.25
CA ALA B 41 -11.07 -8.77 -7.20
C ALA B 41 -10.10 -9.86 -6.76
N ARG B 42 -8.99 -9.96 -7.47
CA ARG B 42 -7.99 -10.99 -7.19
C ARG B 42 -7.10 -10.60 -6.00
N VAL B 43 -6.83 -11.52 -5.09
CA VAL B 43 -5.82 -11.24 -4.06
C VAL B 43 -4.38 -11.38 -4.60
N TYR B 44 -3.57 -10.33 -4.60
CA TYR B 44 -2.18 -10.49 -5.06
C TYR B 44 -1.12 -10.36 -3.93
N VAL B 45 0.16 -10.54 -4.28
CA VAL B 45 1.26 -10.39 -3.30
C VAL B 45 1.20 -9.03 -2.55
N ALA B 46 1.02 -7.95 -3.32
CA ALA B 46 0.89 -6.59 -2.76
C ALA B 46 -0.19 -6.48 -1.68
N ASP B 47 -1.13 -7.43 -1.70
CA ASP B 47 -2.23 -7.41 -0.73
C ASP B 47 -1.91 -8.10 0.59
N THR B 48 -0.87 -8.92 0.61
CA THR B 48 -0.61 -9.75 1.77
C THR B 48 0.34 -9.10 2.77
N ASP B 49 0.51 -9.76 3.91
CA ASP B 49 1.55 -9.40 4.87
C ASP B 49 2.23 -10.66 5.43
N PHE B 50 3.26 -10.48 6.26
CA PHE B 50 4.13 -11.55 6.73
C PHE B 50 3.43 -12.71 7.46
N SER B 51 2.16 -12.56 7.82
CA SER B 51 1.40 -13.66 8.43
C SER B 51 0.73 -14.59 7.40
N GLY B 52 0.91 -14.30 6.12
CA GLY B 52 0.34 -15.10 5.06
C GLY B 52 -1.03 -14.67 4.58
N VAL B 53 -1.64 -13.71 5.28
CA VAL B 53 -3.00 -13.30 4.95
C VAL B 53 -2.98 -11.93 4.32
N VAL B 54 -4.11 -11.52 3.74
CA VAL B 54 -4.37 -10.14 3.35
C VAL B 54 -4.15 -9.15 4.52
N TYR B 55 -3.38 -8.08 4.28
CA TYR B 55 -3.16 -7.06 5.30
C TYR B 55 -4.46 -6.32 5.55
N HIS B 56 -4.76 -6.03 6.81
CA HIS B 56 -6.12 -5.60 7.16
C HIS B 56 -6.55 -4.31 6.45
N ALA B 57 -5.61 -3.39 6.30
CA ALA B 57 -5.93 -2.10 5.68
C ALA B 57 -6.31 -2.29 4.22
N ARG B 58 -5.83 -3.37 3.60
CA ARG B 58 -6.01 -3.52 2.16
C ARG B 58 -7.47 -3.84 1.86
N TYR B 59 -8.21 -4.30 2.87
CA TYR B 59 -9.63 -4.58 2.68
C TYR B 59 -10.32 -3.24 2.35
N LEU B 60 -9.83 -2.16 2.96
CA LEU B 60 -10.41 -0.86 2.65
C LEU B 60 -10.25 -0.51 1.17
N GLU B 61 -9.22 -1.06 0.52
CA GLU B 61 -9.03 -0.88 -0.93
C GLU B 61 -10.08 -1.62 -1.72
N PHE B 62 -10.25 -2.89 -1.39
CA PHE B 62 -11.26 -3.71 -2.03
C PHE B 62 -12.66 -3.14 -1.84
N PHE B 63 -12.99 -2.70 -0.61
CA PHE B 63 -14.24 -2.03 -0.35
C PHE B 63 -14.41 -0.84 -1.27
N GLU B 64 -13.34 -0.06 -1.42
CA GLU B 64 -13.43 1.13 -2.23
C GLU B 64 -13.75 0.76 -3.67
N ARG B 65 -13.13 -0.30 -4.17
CA ARG B 65 -13.46 -0.79 -5.49
C ARG B 65 -14.94 -1.14 -5.56
N GLY B 66 -15.47 -1.72 -4.49
CA GLY B 66 -16.90 -2.07 -4.44
C GLY B 66 -17.76 -0.82 -4.62
N ARG B 67 -17.42 0.26 -3.91
CA ARG B 67 -18.16 1.51 -3.99
C ARG B 67 -18.07 2.19 -5.38
N SER B 68 -16.89 2.19 -5.99
CA SER B 68 -16.71 2.85 -7.31
C SER B 68 -17.39 2.09 -8.43
N GLU B 69 -17.49 0.77 -8.29
CA GLU B 69 -18.11 -0.07 -9.29
C GLU B 69 -19.61 -0.09 -9.10
N PHE B 70 -20.04 0.14 -7.87
CA PHE B 70 -21.44 0.39 -7.60
C PHE B 70 -21.87 1.69 -8.32
N LEU B 71 -21.16 2.80 -8.10
CA LEU B 71 -21.41 4.03 -8.87
C LEU B 71 -21.45 3.81 -10.39
N ARG B 72 -20.42 3.16 -10.93
CA ARG B 72 -20.35 2.90 -12.36
C ARG B 72 -21.60 2.17 -12.82
N ASP B 73 -22.12 1.29 -11.97
CA ASP B 73 -23.30 0.45 -12.26
C ASP B 73 -24.59 1.24 -12.41
N THR B 74 -24.62 2.42 -11.80
CA THR B 74 -25.72 3.35 -11.94
C THR B 74 -25.27 4.42 -12.94
N GLY B 75 -24.70 5.53 -12.47
CA GLY B 75 -24.07 6.50 -13.37
C GLY B 75 -22.85 7.13 -12.72
N LEU B 80 -15.79 12.79 -13.58
CA LEU B 80 -16.75 13.89 -13.75
C LEU B 80 -16.76 14.91 -12.61
N LEU B 81 -16.79 14.44 -11.36
CA LEU B 81 -16.69 15.31 -10.18
C LEU B 81 -15.30 15.90 -10.05
N ALA B 82 -14.29 15.04 -10.25
CA ALA B 82 -12.89 15.38 -10.08
C ALA B 82 -12.39 16.37 -11.15
N SER B 83 -12.98 16.31 -12.34
CA SER B 83 -12.43 16.95 -13.55
C SER B 83 -12.39 18.49 -13.60
N GLY B 84 -13.39 19.17 -13.04
CA GLY B 84 -13.47 20.63 -13.19
C GLY B 84 -14.90 21.05 -13.41
N VAL B 85 -15.49 20.50 -14.48
CA VAL B 85 -16.94 20.31 -14.60
C VAL B 85 -17.81 21.58 -14.34
N GLU B 86 -18.77 21.50 -13.42
CA GLU B 86 -19.72 22.61 -13.11
C GLU B 86 -19.15 23.73 -12.21
N GLY B 87 -17.83 23.90 -12.22
CA GLY B 87 -17.19 24.97 -11.46
C GLY B 87 -16.04 24.59 -10.52
N GLU B 88 -16.15 23.44 -9.86
CA GLU B 88 -15.09 23.01 -8.94
C GLU B 88 -14.91 21.49 -8.86
N LYS B 89 -13.68 21.09 -8.57
CA LYS B 89 -13.38 19.69 -8.31
C LYS B 89 -14.06 19.23 -7.01
N LEU B 90 -14.93 18.23 -7.11
CA LEU B 90 -15.54 17.62 -5.92
C LEU B 90 -15.01 16.18 -5.63
N PHE B 91 -14.94 15.79 -4.36
CA PHE B 91 -14.53 14.42 -4.01
C PHE B 91 -15.44 13.75 -3.01
N PHE B 92 -15.66 12.45 -3.20
CA PHE B 92 -16.24 11.66 -2.13
C PHE B 92 -15.22 11.48 -1.05
N VAL B 93 -15.68 11.57 0.18
CA VAL B 93 -14.82 11.46 1.33
C VAL B 93 -15.46 10.52 2.34
N VAL B 94 -14.63 9.64 2.91
CA VAL B 94 -15.09 8.70 3.92
C VAL B 94 -15.11 9.43 5.25
N ARG B 95 -16.31 9.60 5.82
CA ARG B 95 -16.42 10.24 7.13
C ARG B 95 -16.33 9.25 8.28
N HIS B 96 -16.86 8.05 8.08
CA HIS B 96 -16.93 7.12 9.21
C HIS B 96 -16.96 5.71 8.72
N MET B 97 -16.24 4.85 9.43
CA MET B 97 -16.16 3.47 9.04
C MET B 97 -16.18 2.53 10.23
N GLU B 98 -16.99 1.48 10.12
CA GLU B 98 -17.04 0.41 11.12
C GLU B 98 -16.64 -0.84 10.37
N ILE B 99 -15.65 -1.58 10.88
CA ILE B 99 -15.24 -2.79 10.17
C ILE B 99 -15.09 -4.00 11.11
N ASN B 100 -15.67 -5.12 10.72
CA ASN B 100 -15.46 -6.37 11.45
C ASN B 100 -14.78 -7.41 10.57
N PHE B 101 -13.60 -7.83 11.04
CA PHE B 101 -12.75 -8.76 10.33
C PHE B 101 -12.96 -10.12 10.97
N SER B 102 -13.63 -11.05 10.29
CA SER B 102 -13.84 -12.36 10.92
C SER B 102 -12.98 -13.49 10.32
N ARG B 103 -12.67 -13.41 9.04
CA ARG B 103 -11.90 -14.45 8.40
C ARG B 103 -10.92 -13.79 7.41
N PRO B 104 -9.79 -14.46 7.16
CA PRO B 104 -8.74 -13.94 6.30
C PRO B 104 -8.89 -14.36 4.84
N ALA B 105 -8.39 -13.53 3.93
CA ALA B 105 -8.20 -14.01 2.57
C ALA B 105 -6.75 -14.42 2.39
N GLN B 106 -6.52 -15.30 1.42
CA GLN B 106 -5.18 -15.78 1.11
C GLN B 106 -4.77 -15.28 -0.24
N ILE B 107 -3.46 -15.32 -0.50
CA ILE B 107 -2.93 -15.11 -1.84
C ILE B 107 -3.74 -15.91 -2.88
N ASP B 108 -3.98 -15.32 -4.04
CA ASP B 108 -4.75 -15.96 -5.14
C ASP B 108 -6.28 -16.08 -4.96
N ASN B 109 -6.82 -15.89 -3.75
CA ASN B 109 -8.29 -15.90 -3.61
C ASN B 109 -8.97 -14.92 -4.56
N LEU B 110 -9.99 -15.41 -5.26
CA LEU B 110 -10.87 -14.52 -6.01
C LEU B 110 -11.95 -14.09 -5.03
N LEU B 111 -12.03 -12.80 -4.72
CA LEU B 111 -12.92 -12.28 -3.67
C LEU B 111 -14.16 -11.62 -4.29
N THR B 112 -15.26 -11.66 -3.53
CA THR B 112 -16.53 -11.02 -3.94
C THR B 112 -16.86 -9.88 -3.00
N ILE B 113 -17.04 -8.70 -3.58
CA ILE B 113 -17.43 -7.51 -2.83
C ILE B 113 -18.90 -7.19 -3.11
N LYS B 114 -19.68 -6.98 -2.05
CA LYS B 114 -21.11 -6.74 -2.13
C LYS B 114 -21.39 -5.39 -1.50
N THR B 115 -21.91 -4.47 -2.31
CA THR B 115 -22.15 -3.09 -1.90
C THR B 115 -23.62 -2.70 -2.21
N ARG B 116 -24.18 -1.85 -1.34
CA ARG B 116 -25.49 -1.27 -1.55
C ARG B 116 -25.64 -0.05 -0.64
N ILE B 117 -26.49 0.88 -1.06
CA ILE B 117 -26.77 2.07 -0.23
C ILE B 117 -27.82 1.72 0.82
N SER B 118 -27.45 1.91 2.08
CA SER B 118 -28.34 1.55 3.16
C SER B 118 -29.24 2.73 3.59
N ARG B 119 -28.84 3.95 3.25
CA ARG B 119 -29.58 5.17 3.57
C ARG B 119 -28.97 6.37 2.84
N LEU B 120 -29.82 7.16 2.19
CA LEU B 120 -29.41 8.36 1.44
C LEU B 120 -29.97 9.61 2.10
N GLN B 121 -29.12 10.62 2.34
CA GLN B 121 -29.53 11.81 3.12
C GLN B 121 -29.43 13.21 2.48
N GLY B 122 -28.90 13.33 1.28
CA GLY B 122 -28.82 14.67 0.69
C GLY B 122 -27.48 15.39 0.83
N ALA B 123 -26.90 15.39 2.04
CA ALA B 123 -25.49 15.79 2.17
C ALA B 123 -24.53 14.59 2.39
N ARG B 124 -25.10 13.42 2.63
CA ARG B 124 -24.34 12.17 2.83
C ARG B 124 -25.16 10.91 2.55
N PHE B 125 -24.46 9.85 2.17
CA PHE B 125 -25.07 8.54 2.10
C PHE B 125 -24.31 7.49 2.92
N PHE B 126 -24.91 6.31 3.07
CA PHE B 126 -24.41 5.28 3.96
C PHE B 126 -24.41 4.01 3.17
N MET B 127 -23.33 3.25 3.30
CA MET B 127 -23.23 2.00 2.58
C MET B 127 -23.00 0.83 3.50
N GLU B 128 -23.37 -0.34 3.04
CA GLU B 128 -23.14 -1.57 3.75
C GLU B 128 -22.36 -2.43 2.80
N GLN B 129 -21.26 -3.01 3.30
CA GLN B 129 -20.35 -3.80 2.45
C GLN B 129 -19.88 -5.09 3.11
N TYR B 130 -19.58 -6.08 2.28
CA TYR B 130 -19.11 -7.38 2.73
C TYR B 130 -18.17 -7.91 1.67
N ILE B 131 -17.06 -8.50 2.13
CA ILE B 131 -16.16 -9.18 1.23
C ILE B 131 -16.28 -10.66 1.55
N LEU B 132 -16.54 -11.46 0.53
CA LEU B 132 -16.58 -12.91 0.72
C LEU B 132 -15.60 -13.61 -0.23
N HIS B 133 -15.32 -14.86 0.11
CA HIS B 133 -14.61 -15.81 -0.71
C HIS B 133 -15.56 -16.98 -0.95
N GLY B 134 -16.15 -17.03 -2.16
CA GLY B 134 -17.27 -17.94 -2.44
C GLY B 134 -18.40 -17.66 -1.44
N GLU B 135 -18.72 -18.66 -0.60
CA GLU B 135 -19.81 -18.52 0.37
C GLU B 135 -19.33 -18.05 1.74
N SER B 136 -18.01 -18.07 1.96
CA SER B 136 -17.48 -17.71 3.26
C SER B 136 -17.34 -16.19 3.51
N MET B 137 -17.90 -15.73 4.61
CA MET B 137 -17.86 -14.30 4.98
C MET B 137 -16.50 -13.90 5.62
N LEU B 138 -15.80 -12.93 5.03
CA LEU B 138 -14.48 -12.55 5.52
C LEU B 138 -14.50 -11.26 6.37
N VAL B 139 -15.06 -10.20 5.79
CA VAL B 139 -15.07 -8.87 6.43
C VAL B 139 -16.39 -8.16 6.16
N THR B 140 -16.91 -7.44 7.16
CA THR B 140 -18.12 -6.62 7.02
C THR B 140 -17.83 -5.15 7.34
N ALA B 141 -18.54 -4.24 6.69
CA ALA B 141 -18.36 -2.81 6.97
C ALA B 141 -19.62 -1.96 6.83
N LYS B 142 -19.76 -0.95 7.68
CA LYS B 142 -20.70 0.15 7.48
C LYS B 142 -19.89 1.42 7.25
N VAL B 143 -20.14 2.11 6.13
CA VAL B 143 -19.34 3.27 5.68
C VAL B 143 -20.20 4.52 5.53
N GLU B 144 -19.69 5.65 6.01
CA GLU B 144 -20.34 6.94 5.81
C GLU B 144 -19.56 7.79 4.82
N ILE B 145 -20.23 8.21 3.74
CA ILE B 145 -19.62 8.99 2.65
C ILE B 145 -20.28 10.36 2.44
N ALA B 146 -19.47 11.41 2.54
CA ALA B 146 -19.87 12.77 2.22
C ALA B 146 -19.13 13.30 0.98
N LEU B 147 -19.45 14.53 0.60
CA LEU B 147 -18.86 15.14 -0.59
C LEU B 147 -18.13 16.40 -0.16
N ILE B 148 -16.93 16.60 -0.72
CA ILE B 148 -16.13 17.80 -0.45
C ILE B 148 -15.48 18.37 -1.70
N ASN B 149 -15.12 19.66 -1.65
CA ASN B 149 -14.34 20.31 -2.70
C ASN B 149 -12.85 20.33 -2.37
N GLU B 150 -12.05 20.88 -3.27
CA GLU B 150 -10.58 20.93 -3.14
C GLU B 150 -10.07 21.38 -1.78
N GLU B 151 -10.64 22.46 -1.25
CA GLU B 151 -10.25 22.96 0.08
C GLU B 151 -10.94 22.27 1.26
N GLY B 152 -11.72 21.22 0.98
CA GLY B 152 -12.30 20.38 2.03
C GLY B 152 -13.62 20.85 2.61
N LYS B 153 -14.33 21.69 1.87
CA LYS B 153 -15.63 22.21 2.32
C LYS B 153 -16.76 21.25 1.93
N PRO B 154 -17.74 21.02 2.82
CA PRO B 154 -18.87 20.16 2.48
C PRO B 154 -19.73 20.71 1.35
N ARG B 155 -20.22 19.83 0.49
CA ARG B 155 -21.23 20.18 -0.52
C ARG B 155 -22.32 19.13 -0.52
N ARG B 156 -23.51 19.55 -0.92
CA ARG B 156 -24.67 18.67 -1.03
C ARG B 156 -24.57 17.75 -2.26
N LEU B 157 -25.48 16.79 -2.37
CA LEU B 157 -25.41 15.77 -3.43
C LEU B 157 -26.41 16.01 -4.58
N PRO B 158 -26.03 15.63 -5.82
CA PRO B 158 -26.86 15.76 -7.04
C PRO B 158 -27.97 14.69 -7.27
N LYS B 159 -28.38 14.50 -8.54
CA LYS B 159 -29.36 13.49 -8.95
C LYS B 159 -28.70 12.12 -9.18
N GLU B 160 -29.32 11.06 -8.65
CA GLU B 160 -28.75 9.70 -8.68
C GLU B 160 -29.70 8.64 -9.28
N ALA C 35 5.53 -14.23 -26.87
CA ALA C 35 4.81 -12.92 -27.02
C ALA C 35 4.07 -12.48 -25.74
N PHE C 36 3.41 -11.32 -25.85
CA PHE C 36 2.79 -10.62 -24.73
C PHE C 36 1.50 -11.23 -24.23
N HIS C 37 1.45 -11.54 -22.95
CA HIS C 37 0.18 -11.80 -22.27
C HIS C 37 -0.41 -10.49 -21.82
N ASP C 38 -1.71 -10.34 -22.03
CA ASP C 38 -2.40 -9.10 -21.72
C ASP C 38 -3.15 -9.28 -20.42
N PHE C 39 -3.17 -8.23 -19.61
CA PHE C 39 -4.09 -8.24 -18.47
C PHE C 39 -4.59 -6.85 -18.16
N GLN C 40 -5.87 -6.76 -17.85
CA GLN C 40 -6.47 -5.46 -17.57
C GLN C 40 -6.74 -5.19 -16.11
N ALA C 41 -6.38 -3.97 -15.71
CA ALA C 41 -6.64 -3.45 -14.37
C ALA C 41 -7.21 -2.03 -14.48
N ARG C 42 -8.07 -1.69 -13.52
CA ARG C 42 -8.72 -0.39 -13.40
C ARG C 42 -8.06 0.45 -12.28
N VAL C 43 -7.95 1.76 -12.49
CA VAL C 43 -7.38 2.71 -11.55
C VAL C 43 -8.41 3.26 -10.57
N TYR C 44 -8.19 3.00 -9.29
CA TYR C 44 -9.03 3.51 -8.21
C TYR C 44 -8.29 4.60 -7.44
N VAL C 45 -8.98 5.21 -6.46
CA VAL C 45 -8.46 6.36 -5.73
C VAL C 45 -7.21 5.97 -4.97
N ALA C 46 -7.24 4.74 -4.48
CA ALA C 46 -6.14 4.09 -3.78
C ALA C 46 -4.79 4.19 -4.52
N ASP C 47 -4.85 4.12 -5.84
CA ASP C 47 -3.69 4.13 -6.73
C ASP C 47 -3.13 5.52 -7.01
N THR C 48 -3.80 6.58 -6.54
CA THR C 48 -3.39 7.94 -6.91
C THR C 48 -2.65 8.64 -5.83
N ASP C 49 -2.01 9.75 -6.20
CA ASP C 49 -1.36 10.59 -5.20
C ASP C 49 -1.84 12.02 -5.37
N PHE C 50 -1.35 12.93 -4.54
CA PHE C 50 -1.83 14.30 -4.52
C PHE C 50 -1.62 15.13 -5.80
N SER C 51 -1.00 14.54 -6.82
CA SER C 51 -0.69 15.31 -8.02
C SER C 51 -1.67 15.03 -9.14
N GLY C 52 -2.61 14.12 -8.87
CA GLY C 52 -3.71 13.85 -9.79
C GLY C 52 -3.65 12.49 -10.47
N VAL C 53 -2.46 11.88 -10.44
CA VAL C 53 -2.16 10.69 -11.24
C VAL C 53 -1.79 9.50 -10.35
N VAL C 54 -1.71 8.30 -10.92
CA VAL C 54 -1.20 7.11 -10.21
C VAL C 54 0.16 7.36 -9.58
N TYR C 55 0.27 7.10 -8.29
CA TYR C 55 1.55 7.21 -7.57
C TYR C 55 2.57 6.25 -8.19
N HIS C 56 3.85 6.62 -8.24
CA HIS C 56 4.80 5.88 -9.09
C HIS C 56 5.01 4.42 -8.68
N ALA C 57 5.01 4.14 -7.38
CA ALA C 57 5.13 2.76 -6.87
C ALA C 57 3.96 1.85 -7.25
N ARG C 58 2.76 2.41 -7.39
CA ARG C 58 1.59 1.57 -7.69
C ARG C 58 1.71 0.88 -9.06
N TYR C 59 2.49 1.47 -9.98
CA TYR C 59 2.75 0.84 -11.28
C TYR C 59 3.48 -0.49 -11.04
N LEU C 60 4.33 -0.55 -10.02
CA LEU C 60 4.93 -1.82 -9.59
C LEU C 60 3.89 -2.87 -9.20
N GLU C 61 2.89 -2.49 -8.42
CA GLU C 61 1.76 -3.37 -8.11
C GLU C 61 1.10 -3.87 -9.37
N PHE C 62 0.85 -2.97 -10.31
CA PHE C 62 0.24 -3.34 -11.59
C PHE C 62 1.06 -4.38 -12.39
N PHE C 63 2.38 -4.15 -12.48
CA PHE C 63 3.31 -5.14 -13.05
C PHE C 63 3.32 -6.49 -12.34
N GLU C 64 3.27 -6.47 -11.01
CA GLU C 64 3.21 -7.72 -10.25
C GLU C 64 1.92 -8.47 -10.65
N ARG C 65 0.83 -7.74 -10.80
CA ARG C 65 -0.42 -8.34 -11.25
C ARG C 65 -0.18 -8.94 -12.61
N GLY C 66 0.57 -8.25 -13.45
CA GLY C 66 0.88 -8.74 -14.79
C GLY C 66 1.66 -10.05 -14.74
N ARG C 67 2.69 -10.08 -13.89
CA ARG C 67 3.49 -11.29 -13.70
C ARG C 67 2.67 -12.44 -13.12
N SER C 68 1.87 -12.17 -12.10
CA SER C 68 1.04 -13.20 -11.46
C SER C 68 0.05 -13.78 -12.44
N GLU C 69 -0.59 -12.93 -13.25
CA GLU C 69 -1.56 -13.43 -14.24
C GLU C 69 -0.87 -14.23 -15.33
N PHE C 70 0.26 -13.73 -15.81
CA PHE C 70 1.12 -14.50 -16.68
C PHE C 70 1.31 -15.90 -16.11
N LEU C 71 1.76 -15.98 -14.86
CA LEU C 71 1.99 -17.25 -14.21
C LEU C 71 0.72 -18.08 -14.20
N ARG C 72 -0.40 -17.45 -13.83
CA ARG C 72 -1.71 -18.10 -13.77
C ARG C 72 -2.17 -18.60 -15.14
N ASP C 73 -1.51 -18.15 -16.21
CA ASP C 73 -1.81 -18.64 -17.55
C ASP C 73 -1.11 -19.98 -17.80
N THR C 74 0.03 -20.19 -17.14
CA THR C 74 0.77 -21.46 -17.22
C THR C 74 0.08 -22.53 -16.37
N GLY C 75 -1.15 -22.24 -15.94
CA GLY C 75 -1.88 -23.16 -15.05
C GLY C 75 -1.36 -23.17 -13.62
N PHE C 76 -0.16 -22.62 -13.42
CA PHE C 76 0.45 -22.50 -12.10
C PHE C 76 0.14 -21.18 -11.40
N ASN C 77 0.42 -21.11 -10.09
CA ASN C 77 0.32 -19.85 -9.35
C ASN C 77 1.21 -19.72 -8.12
N ASN C 78 1.06 -18.59 -7.42
CA ASN C 78 1.85 -18.27 -6.25
C ASN C 78 1.64 -19.24 -5.11
N THR C 79 0.38 -19.61 -4.88
CA THR C 79 0.03 -20.57 -3.82
C THR C 79 0.52 -21.99 -4.13
N LEU C 80 0.55 -22.36 -5.42
CA LEU C 80 1.00 -23.68 -5.84
C LEU C 80 2.52 -23.82 -5.74
N LEU C 81 3.22 -22.73 -5.99
CA LEU C 81 4.66 -22.69 -5.80
C LEU C 81 5.04 -22.80 -4.34
N ALA C 82 4.28 -22.12 -3.48
CA ALA C 82 4.53 -22.08 -2.04
C ALA C 82 4.11 -23.37 -1.31
N SER C 83 3.46 -24.27 -2.03
CA SER C 83 3.02 -25.57 -1.52
C SER C 83 4.16 -26.56 -1.37
N GLY C 84 4.88 -26.80 -2.46
CA GLY C 84 5.92 -27.81 -2.52
C GLY C 84 5.77 -28.76 -3.70
N VAL C 85 5.52 -28.20 -4.88
CA VAL C 85 5.50 -28.99 -6.13
C VAL C 85 6.91 -29.51 -6.47
N GLU C 86 7.89 -28.60 -6.57
CA GLU C 86 9.29 -28.95 -6.81
C GLU C 86 9.86 -29.87 -5.73
N GLY C 87 9.13 -30.01 -4.63
CA GLY C 87 9.60 -30.73 -3.44
C GLY C 87 9.66 -29.81 -2.22
N GLU C 88 10.01 -28.54 -2.47
CA GLU C 88 10.17 -27.52 -1.42
C GLU C 88 9.26 -26.31 -1.66
N LYS C 89 9.24 -25.39 -0.71
CA LYS C 89 8.39 -24.19 -0.77
C LYS C 89 9.04 -23.07 -1.59
N LEU C 90 8.50 -22.80 -2.79
CA LEU C 90 9.17 -21.83 -3.67
C LEU C 90 8.57 -20.41 -3.73
N PHE C 91 9.45 -19.44 -3.96
CA PHE C 91 9.03 -18.05 -4.08
C PHE C 91 9.71 -17.34 -5.24
N PHE C 92 8.96 -16.49 -5.93
CA PHE C 92 9.58 -15.57 -6.87
C PHE C 92 10.10 -14.37 -6.13
N VAL C 93 11.28 -13.91 -6.52
CA VAL C 93 11.82 -12.66 -5.97
C VAL C 93 12.39 -11.78 -7.10
N VAL C 94 12.10 -10.49 -7.04
CA VAL C 94 12.62 -9.51 -7.98
C VAL C 94 14.06 -9.19 -7.57
N ARG C 95 15.01 -9.43 -8.47
CA ARG C 95 16.43 -9.12 -8.22
C ARG C 95 16.83 -7.74 -8.72
N HIS C 96 16.23 -7.35 -9.84
CA HIS C 96 16.59 -6.13 -10.50
C HIS C 96 15.39 -5.57 -11.30
N MET C 97 15.36 -4.27 -11.51
CA MET C 97 14.25 -3.68 -12.23
C MET C 97 14.58 -2.29 -12.76
N GLU C 98 14.34 -2.07 -14.04
CA GLU C 98 14.54 -0.77 -14.66
C GLU C 98 13.21 -0.33 -15.20
N ILE C 99 12.71 0.80 -14.71
CA ILE C 99 11.40 1.30 -15.11
C ILE C 99 11.53 2.67 -15.70
N ASN C 100 10.83 2.89 -16.81
CA ASN C 100 10.72 4.22 -17.41
C ASN C 100 9.26 4.78 -17.33
N PHE C 101 9.06 5.86 -16.58
CA PHE C 101 7.73 6.47 -16.43
C PHE C 101 7.48 7.58 -17.49
N SER C 102 6.79 7.25 -18.58
CA SER C 102 6.61 8.22 -19.67
C SER C 102 5.34 9.07 -19.56
N ARG C 103 4.18 8.41 -19.55
CA ARG C 103 2.89 9.09 -19.52
C ARG C 103 2.13 8.60 -18.30
N PRO C 104 1.24 9.43 -17.72
CA PRO C 104 0.52 9.01 -16.53
C PRO C 104 -0.84 8.32 -16.76
N ALA C 105 -1.24 7.52 -15.80
CA ALA C 105 -2.58 6.96 -15.78
C ALA C 105 -3.44 7.88 -14.92
N GLN C 106 -4.69 8.09 -15.35
CA GLN C 106 -5.66 8.92 -14.61
C GLN C 106 -6.59 8.03 -13.81
N ILE C 107 -7.28 8.64 -12.84
CA ILE C 107 -8.36 8.00 -12.10
C ILE C 107 -9.40 7.37 -13.02
N ASP C 108 -9.69 6.12 -12.77
CA ASP C 108 -10.70 5.40 -13.54
C ASP C 108 -10.26 4.93 -14.93
N ASN C 109 -9.02 5.21 -15.33
CA ASN C 109 -8.49 4.63 -16.56
C ASN C 109 -8.51 3.12 -16.46
N LEU C 110 -8.76 2.49 -17.61
CA LEU C 110 -8.68 1.08 -17.69
C LEU C 110 -7.35 0.81 -18.38
N LEU C 111 -6.42 0.21 -17.64
CA LEU C 111 -5.08 -0.01 -18.12
C LEU C 111 -4.89 -1.40 -18.64
N THR C 112 -4.01 -1.53 -19.61
CA THR C 112 -3.64 -2.84 -20.14
C THR C 112 -2.21 -3.12 -19.72
N ILE C 113 -2.00 -4.27 -19.11
CA ILE C 113 -0.67 -4.72 -18.71
C ILE C 113 -0.19 -5.79 -19.68
N LYS C 114 0.92 -5.52 -20.35
CA LYS C 114 1.54 -6.48 -21.29
C LYS C 114 2.83 -7.03 -20.67
N THR C 115 2.89 -8.36 -20.59
CA THR C 115 3.99 -9.06 -19.93
C THR C 115 4.50 -10.17 -20.82
N ARG C 116 5.82 -10.24 -21.03
CA ARG C 116 6.42 -11.40 -21.69
C ARG C 116 7.78 -11.72 -21.10
N ILE C 117 8.21 -12.96 -21.26
CA ILE C 117 9.57 -13.36 -20.96
C ILE C 117 10.50 -13.03 -22.13
N SER C 118 11.61 -12.34 -21.84
CA SER C 118 12.60 -12.03 -22.89
C SER C 118 13.82 -12.97 -22.92
N ARG C 119 14.16 -13.58 -21.79
CA ARG C 119 15.31 -14.48 -21.67
C ARG C 119 15.17 -15.45 -20.48
N LEU C 120 15.84 -16.58 -20.58
CA LEU C 120 16.06 -17.45 -19.41
C LEU C 120 17.54 -17.72 -19.17
N GLN C 121 17.87 -18.18 -17.96
CA GLN C 121 19.25 -18.49 -17.59
C GLN C 121 19.28 -19.82 -16.86
N GLY C 122 18.09 -20.37 -16.62
CA GLY C 122 17.96 -21.65 -15.90
C GLY C 122 17.81 -21.45 -14.40
N ALA C 123 18.46 -20.41 -13.87
CA ALA C 123 18.21 -19.94 -12.51
C ALA C 123 17.45 -18.60 -12.54
N ARG C 124 17.95 -17.67 -13.35
CA ARG C 124 17.42 -16.30 -13.43
C ARG C 124 16.58 -16.11 -14.69
N PHE C 125 15.40 -15.50 -14.59
CA PHE C 125 14.65 -15.14 -15.81
C PHE C 125 14.17 -13.69 -15.89
N PHE C 126 14.19 -13.15 -17.10
CA PHE C 126 13.90 -11.74 -17.34
C PHE C 126 12.55 -11.56 -18.06
N MET C 127 11.85 -10.49 -17.69
CA MET C 127 10.62 -10.13 -18.36
C MET C 127 10.68 -8.69 -18.85
N GLU C 128 10.04 -8.44 -19.98
CA GLU C 128 9.72 -7.09 -20.43
C GLU C 128 8.23 -6.85 -20.19
N GLN C 129 7.91 -5.69 -19.63
CA GLN C 129 6.55 -5.39 -19.21
C GLN C 129 6.17 -4.00 -19.64
N TYR C 130 4.88 -3.86 -19.92
CA TYR C 130 4.33 -2.66 -20.52
C TYR C 130 2.94 -2.39 -19.95
N ILE C 131 2.73 -1.13 -19.54
CA ILE C 131 1.42 -0.66 -19.08
C ILE C 131 0.90 0.45 -20.00
N LEU C 132 -0.25 0.18 -20.61
CA LEU C 132 -0.86 1.10 -21.59
C LEU C 132 -2.25 1.57 -21.17
N HIS C 133 -2.58 2.79 -21.57
CA HIS C 133 -3.97 3.25 -21.59
C HIS C 133 -4.45 3.18 -23.04
N GLY C 134 -5.25 2.16 -23.33
CA GLY C 134 -5.61 1.84 -24.70
C GLY C 134 -4.33 1.53 -25.47
N GLU C 135 -3.93 2.47 -26.30
CA GLU C 135 -2.79 2.28 -27.14
C GLU C 135 -1.64 3.23 -26.78
N SER C 136 -1.87 4.08 -25.79
CA SER C 136 -0.82 4.96 -25.32
C SER C 136 0.06 4.24 -24.28
N MET C 137 1.34 4.12 -24.60
CA MET C 137 2.37 3.61 -23.70
C MET C 137 2.54 4.51 -22.46
N LEU C 138 2.30 3.96 -21.27
CA LEU C 138 2.46 4.77 -20.06
C LEU C 138 3.76 4.50 -19.35
N VAL C 139 4.07 3.22 -19.14
CA VAL C 139 5.22 2.80 -18.33
C VAL C 139 5.75 1.46 -18.88
N THR C 140 7.08 1.33 -18.88
CA THR C 140 7.75 0.10 -19.38
C THR C 140 8.76 -0.36 -18.35
N ALA C 141 8.90 -1.66 -18.19
CA ALA C 141 9.92 -2.12 -17.29
C ALA C 141 10.63 -3.36 -17.80
N LYS C 142 11.92 -3.47 -17.50
CA LYS C 142 12.67 -4.73 -17.64
C LYS C 142 12.91 -5.27 -16.23
N VAL C 143 12.57 -6.54 -16.03
CA VAL C 143 12.51 -7.16 -14.70
C VAL C 143 13.33 -8.44 -14.67
N GLU C 144 14.23 -8.56 -13.70
CA GLU C 144 14.96 -9.81 -13.45
C GLU C 144 14.40 -10.53 -12.23
N ILE C 145 13.95 -11.75 -12.46
CA ILE C 145 13.30 -12.56 -11.44
C ILE C 145 14.11 -13.84 -11.15
N ALA C 146 14.25 -14.19 -9.87
CA ALA C 146 14.79 -15.48 -9.46
C ALA C 146 13.75 -16.29 -8.70
N LEU C 147 14.08 -17.57 -8.49
CA LEU C 147 13.27 -18.51 -7.72
C LEU C 147 14.10 -18.95 -6.52
N ILE C 148 13.51 -18.84 -5.33
CA ILE C 148 14.19 -19.19 -4.07
C ILE C 148 13.30 -20.00 -3.12
N ASN C 149 13.95 -20.73 -2.21
CA ASN C 149 13.21 -21.48 -1.20
C ASN C 149 13.00 -20.63 0.04
N GLU C 150 12.43 -21.24 1.08
CA GLU C 150 12.09 -20.53 2.32
C GLU C 150 13.33 -19.87 2.95
N GLU C 151 14.51 -20.43 2.68
CA GLU C 151 15.77 -19.97 3.30
C GLU C 151 16.39 -18.74 2.61
N GLY C 152 15.96 -18.47 1.39
CA GLY C 152 16.52 -17.35 0.62
C GLY C 152 17.58 -17.88 -0.30
N LYS C 153 17.68 -19.20 -0.38
CA LYS C 153 18.66 -19.87 -1.22
C LYS C 153 18.04 -20.18 -2.59
N PRO C 154 18.72 -19.75 -3.68
CA PRO C 154 18.34 -19.92 -5.10
C PRO C 154 18.05 -21.35 -5.53
N ARG C 155 17.31 -21.49 -6.63
CA ARG C 155 16.90 -22.79 -7.17
C ARG C 155 16.50 -22.66 -8.65
N ARG C 156 16.88 -23.63 -9.47
CA ARG C 156 16.62 -23.59 -10.93
C ARG C 156 15.12 -23.72 -11.24
N LEU C 157 14.72 -23.27 -12.43
CA LEU C 157 13.28 -23.25 -12.80
C LEU C 157 12.73 -24.62 -13.26
N PRO C 158 11.55 -25.03 -12.71
CA PRO C 158 10.84 -26.21 -13.21
C PRO C 158 9.79 -25.85 -14.28
N ASN D 34 28.25 17.52 -0.37
CA ASN D 34 27.85 16.42 -1.31
C ASN D 34 28.01 14.99 -0.75
N ALA D 35 28.01 14.88 0.59
CA ALA D 35 27.97 13.56 1.24
C ALA D 35 26.56 13.01 1.13
N PHE D 36 26.40 11.74 1.49
CA PHE D 36 25.09 11.14 1.60
C PHE D 36 24.31 11.77 2.74
N HIS D 37 23.01 11.95 2.52
CA HIS D 37 22.10 12.29 3.60
C HIS D 37 21.48 11.03 4.18
N ASP D 38 21.34 11.04 5.51
CA ASP D 38 20.85 9.87 6.23
C ASP D 38 19.42 10.05 6.69
N PHE D 39 18.67 8.95 6.68
CA PHE D 39 17.34 8.95 7.27
C PHE D 39 16.93 7.54 7.64
N GLN D 40 16.32 7.40 8.81
CA GLN D 40 15.95 6.08 9.33
C GLN D 40 14.44 5.84 9.30
N ALA D 41 14.07 4.61 8.97
CA ALA D 41 12.69 4.18 8.90
C ALA D 41 12.59 2.76 9.43
N ARG D 42 11.56 2.51 10.24
CA ARG D 42 11.30 1.19 10.78
C ARG D 42 10.37 0.40 9.83
N VAL D 43 10.57 -0.90 9.72
CA VAL D 43 9.66 -1.76 8.95
C VAL D 43 8.50 -2.22 9.83
N TYR D 44 7.27 -2.03 9.36
CA TYR D 44 6.04 -2.45 10.08
C TYR D 44 5.30 -3.55 9.31
N VAL D 45 4.14 -4.00 9.84
CA VAL D 45 3.43 -5.11 9.22
C VAL D 45 3.01 -4.73 7.80
N ALA D 46 2.57 -3.48 7.67
CA ALA D 46 2.12 -2.90 6.40
C ALA D 46 3.17 -2.97 5.29
N ASP D 47 4.43 -3.06 5.66
CA ASP D 47 5.54 -3.09 4.70
C ASP D 47 5.88 -4.46 4.15
N THR D 48 5.24 -5.51 4.67
CA THR D 48 5.66 -6.89 4.39
C THR D 48 4.71 -7.62 3.43
N ASP D 49 5.17 -8.74 2.87
CA ASP D 49 4.32 -9.63 2.09
C ASP D 49 4.28 -11.06 2.63
N PHE D 50 3.55 -11.94 1.95
CA PHE D 50 3.33 -13.29 2.42
C PHE D 50 4.61 -14.13 2.59
N SER D 51 5.68 -13.79 1.88
CA SER D 51 6.95 -14.54 1.96
C SER D 51 7.80 -14.12 3.16
N GLY D 52 7.29 -13.25 4.02
CA GLY D 52 7.97 -12.88 5.27
C GLY D 52 8.78 -11.61 5.21
N VAL D 53 9.16 -11.16 4.01
CA VAL D 53 10.04 -10.02 3.85
C VAL D 53 9.23 -8.79 3.38
N VAL D 54 9.91 -7.66 3.21
CA VAL D 54 9.32 -6.42 2.76
C VAL D 54 8.89 -6.53 1.30
N TYR D 55 7.67 -6.06 0.99
CA TYR D 55 7.19 -6.11 -0.39
C TYR D 55 8.10 -5.23 -1.28
N HIS D 56 8.41 -5.69 -2.48
CA HIS D 56 9.44 -4.98 -3.28
C HIS D 56 9.06 -3.55 -3.58
N ALA D 57 7.78 -3.31 -3.83
CA ALA D 57 7.30 -1.94 -4.10
C ALA D 57 7.46 -1.03 -2.89
N ARG D 58 7.38 -1.58 -1.68
CA ARG D 58 7.45 -0.71 -0.52
C ARG D 58 8.80 0.00 -0.36
N TYR D 59 9.91 -0.60 -0.84
CA TYR D 59 11.22 0.09 -0.83
C TYR D 59 11.16 1.42 -1.56
N LEU D 60 10.30 1.55 -2.59
CA LEU D 60 10.21 2.82 -3.29
C LEU D 60 9.67 3.91 -2.37
N GLU D 61 8.84 3.52 -1.40
CA GLU D 61 8.30 4.47 -0.42
C GLU D 61 9.37 4.98 0.48
N PHE D 62 10.28 4.08 0.80
CA PHE D 62 11.37 4.37 1.70
C PHE D 62 12.36 5.30 1.02
N PHE D 63 12.69 5.00 -0.24
CA PHE D 63 13.59 5.88 -1.02
C PHE D 63 12.97 7.27 -1.18
N GLU D 64 11.65 7.32 -1.36
CA GLU D 64 11.01 8.62 -1.42
C GLU D 64 11.13 9.40 -0.11
N ARG D 65 11.05 8.72 1.03
CA ARG D 65 11.29 9.36 2.33
C ARG D 65 12.70 9.96 2.38
N GLY D 66 13.72 9.20 1.96
CA GLY D 66 15.07 9.75 1.83
C GLY D 66 15.17 11.01 0.97
N ARG D 67 14.53 10.97 -0.20
CA ARG D 67 14.51 12.13 -1.10
C ARG D 67 13.86 13.36 -0.46
N SER D 68 12.79 13.17 0.32
CA SER D 68 12.06 14.29 0.95
C SER D 68 12.80 14.85 2.11
N GLU D 69 13.41 13.95 2.88
CA GLU D 69 14.20 14.39 4.01
C GLU D 69 15.48 15.07 3.49
N PHE D 70 16.04 14.55 2.40
CA PHE D 70 17.11 15.24 1.69
C PHE D 70 16.73 16.69 1.41
N LEU D 71 15.60 16.87 0.71
CA LEU D 71 15.07 18.21 0.40
C LEU D 71 14.83 19.09 1.62
N ARG D 72 14.18 18.53 2.64
CA ARG D 72 14.01 19.23 3.90
C ARG D 72 15.37 19.76 4.39
N ASP D 73 16.35 18.86 4.46
CA ASP D 73 17.72 19.17 4.90
C ASP D 73 18.41 20.31 4.13
N THR D 74 17.88 20.70 2.98
CA THR D 74 18.48 21.78 2.21
C THR D 74 17.59 23.02 2.26
N GLY D 75 16.46 22.89 2.95
CA GLY D 75 15.54 23.98 3.21
C GLY D 75 14.48 24.23 2.13
N PHE D 76 13.96 23.16 1.52
CA PHE D 76 12.91 23.32 0.52
C PHE D 76 11.52 23.06 1.10
N GLU D 88 -0.47 27.55 -11.08
CA GLU D 88 -0.11 26.17 -11.31
C GLU D 88 0.78 25.62 -10.18
N LYS D 89 0.29 24.58 -9.51
CA LYS D 89 1.06 23.80 -8.53
C LYS D 89 2.18 23.06 -9.26
N LEU D 90 3.30 22.85 -8.57
CA LEU D 90 4.41 22.06 -9.13
C LEU D 90 4.70 20.82 -8.28
N PHE D 91 5.02 19.71 -8.94
CA PHE D 91 5.21 18.40 -8.30
C PHE D 91 6.46 17.75 -8.84
N PHE D 92 7.19 17.05 -7.98
CA PHE D 92 8.28 16.20 -8.47
C PHE D 92 7.74 14.96 -9.14
N VAL D 93 8.43 14.48 -10.17
CA VAL D 93 8.07 13.25 -10.84
C VAL D 93 9.30 12.41 -10.98
N VAL D 94 9.13 11.10 -10.78
CA VAL D 94 10.14 10.12 -11.14
C VAL D 94 9.99 9.87 -12.64
N ARG D 95 11.07 10.05 -13.39
CA ARG D 95 11.09 9.79 -14.84
C ARG D 95 11.55 8.39 -15.12
N HIS D 96 12.58 7.99 -14.39
CA HIS D 96 13.28 6.75 -14.63
C HIS D 96 13.84 6.23 -13.31
N MET D 97 13.75 4.92 -13.14
CA MET D 97 14.29 4.30 -11.95
C MET D 97 14.90 2.95 -12.25
N GLU D 98 16.14 2.76 -11.78
CA GLU D 98 16.78 1.47 -11.80
C GLU D 98 17.02 1.00 -10.38
N ILE D 99 16.52 -0.17 -10.04
CA ILE D 99 16.65 -0.66 -8.67
C ILE D 99 17.34 -2.01 -8.62
N ASN D 100 18.20 -2.18 -7.63
CA ASN D 100 18.81 -3.49 -7.37
C ASN D 100 18.42 -4.02 -6.00
N PHE D 101 17.71 -5.13 -6.03
CA PHE D 101 17.21 -5.78 -4.81
C PHE D 101 18.16 -6.89 -4.43
N SER D 102 19.02 -6.61 -3.48
CA SER D 102 20.13 -7.46 -3.18
C SER D 102 19.89 -8.38 -1.94
N ARG D 103 19.61 -7.81 -0.76
CA ARG D 103 19.22 -8.60 0.44
C ARG D 103 17.90 -8.12 1.03
N PRO D 104 17.05 -9.03 1.55
CA PRO D 104 15.74 -8.59 2.13
C PRO D 104 15.80 -7.88 3.49
N ALA D 105 14.94 -6.86 3.66
CA ALA D 105 14.57 -6.31 4.98
C ALA D 105 13.44 -7.14 5.62
N GLN D 106 13.46 -7.19 6.97
CA GLN D 106 12.47 -7.92 7.76
C GLN D 106 11.73 -6.92 8.66
N ILE D 107 10.64 -7.38 9.25
CA ILE D 107 9.80 -6.58 10.13
C ILE D 107 10.55 -6.21 11.42
N ASP D 108 10.44 -4.95 11.81
CA ASP D 108 11.13 -4.42 13.01
C ASP D 108 12.55 -3.92 12.72
N ASN D 109 13.12 -4.22 11.55
CA ASN D 109 14.41 -3.65 11.20
C ASN D 109 14.25 -2.17 11.21
N LEU D 110 15.23 -1.52 11.84
CA LEU D 110 15.44 -0.09 11.64
C LEU D 110 16.34 0.13 10.42
N LEU D 111 15.72 0.54 9.32
CA LEU D 111 16.47 0.74 8.09
C LEU D 111 17.16 2.11 8.05
N THR D 112 18.30 2.18 7.36
CA THR D 112 19.01 3.47 7.11
C THR D 112 18.93 3.77 5.63
N ILE D 113 18.46 4.97 5.29
CA ILE D 113 18.26 5.37 3.92
C ILE D 113 19.29 6.44 3.56
N LYS D 114 20.14 6.15 2.57
CA LYS D 114 21.22 7.09 2.16
C LYS D 114 20.96 7.69 0.80
N THR D 115 20.89 9.01 0.78
CA THR D 115 20.49 9.72 -0.42
C THR D 115 21.46 10.85 -0.74
N ARG D 116 21.85 10.96 -2.00
CA ARG D 116 22.61 12.10 -2.51
C ARG D 116 22.32 12.37 -4.00
N ILE D 117 22.50 13.63 -4.40
CA ILE D 117 22.33 14.03 -5.79
C ILE D 117 23.58 13.67 -6.56
N SER D 118 23.44 12.78 -7.54
CA SER D 118 24.58 12.29 -8.30
C SER D 118 24.90 13.14 -9.54
N ARG D 119 23.87 13.75 -10.13
CA ARG D 119 24.07 14.66 -11.27
C ARG D 119 22.94 15.67 -11.40
N LEU D 120 23.30 16.93 -11.62
CA LEU D 120 22.33 18.00 -11.92
C LEU D 120 22.30 18.28 -13.43
N GLN D 121 21.12 18.65 -13.94
CA GLN D 121 20.98 19.04 -15.36
C GLN D 121 19.80 20.02 -15.61
N GLY D 122 19.64 21.01 -14.72
CA GLY D 122 18.77 22.18 -14.94
C GLY D 122 17.26 21.95 -15.03
N ALA D 123 16.86 21.00 -15.88
CA ALA D 123 15.46 20.56 -16.00
C ALA D 123 15.16 19.29 -15.16
N ARG D 124 16.22 18.56 -14.79
CA ARG D 124 16.08 17.42 -13.89
C ARG D 124 17.30 17.21 -12.99
N PHE D 125 17.18 16.24 -12.06
CA PHE D 125 18.29 15.81 -11.26
C PHE D 125 18.26 14.30 -11.04
N PHE D 126 19.40 13.77 -10.61
CA PHE D 126 19.61 12.35 -10.42
C PHE D 126 20.04 12.12 -9.00
N MET D 127 19.48 11.07 -8.41
CA MET D 127 19.80 10.71 -7.07
C MET D 127 20.27 9.27 -7.03
N GLU D 128 21.35 8.98 -6.34
CA GLU D 128 21.63 7.58 -6.07
C GLU D 128 21.24 7.30 -4.63
N GLN D 129 20.63 6.15 -4.41
CA GLN D 129 20.10 5.86 -3.10
C GLN D 129 20.45 4.45 -2.68
N TYR D 130 20.60 4.27 -1.37
CA TYR D 130 20.84 2.96 -0.80
C TYR D 130 20.02 2.78 0.47
N ILE D 131 19.61 1.56 0.71
CA ILE D 131 18.91 1.22 1.92
C ILE D 131 19.70 0.13 2.62
N LEU D 132 20.09 0.41 3.86
CA LEU D 132 20.89 -0.52 4.65
C LEU D 132 20.19 -0.91 5.96
N HIS D 133 20.40 -2.14 6.42
CA HIS D 133 20.11 -2.53 7.80
C HIS D 133 21.42 -2.60 8.58
N GLY D 134 21.71 -1.56 9.36
CA GLY D 134 23.03 -1.37 9.96
C GLY D 134 24.12 -1.28 8.88
N GLU D 135 24.95 -2.30 8.78
CA GLU D 135 26.10 -2.31 7.87
C GLU D 135 25.77 -3.10 6.62
N SER D 136 24.79 -4.01 6.72
CA SER D 136 24.32 -4.81 5.59
C SER D 136 23.56 -4.01 4.49
N MET D 137 23.91 -4.27 3.23
CA MET D 137 23.34 -3.53 2.09
C MET D 137 22.10 -4.24 1.52
N LEU D 138 20.99 -3.53 1.45
CA LEU D 138 19.74 -4.20 1.07
C LEU D 138 19.30 -3.91 -0.36
N VAL D 139 19.25 -2.63 -0.71
CA VAL D 139 18.64 -2.18 -1.95
C VAL D 139 19.31 -0.87 -2.41
N THR D 140 19.60 -0.81 -3.70
CA THR D 140 20.29 0.34 -4.28
C THR D 140 19.37 0.89 -5.39
N ALA D 141 19.35 2.21 -5.57
CA ALA D 141 18.60 2.79 -6.67
C ALA D 141 19.34 3.94 -7.31
N LYS D 142 19.16 4.08 -8.62
CA LYS D 142 19.45 5.33 -9.33
C LYS D 142 18.11 5.89 -9.80
N VAL D 143 17.80 7.13 -9.43
CA VAL D 143 16.56 7.74 -9.88
C VAL D 143 16.75 9.12 -10.53
N GLU D 144 16.05 9.30 -11.64
CA GLU D 144 16.00 10.55 -12.37
C GLU D 144 14.67 11.24 -12.05
N ILE D 145 14.76 12.51 -11.69
CA ILE D 145 13.63 13.27 -11.16
C ILE D 145 13.43 14.58 -11.93
N ALA D 146 12.23 14.79 -12.50
CA ALA D 146 11.85 16.09 -13.10
C ALA D 146 10.82 16.86 -12.27
N LEU D 147 10.58 18.12 -12.63
CA LEU D 147 9.52 18.94 -12.05
C LEU D 147 8.52 19.35 -13.14
N ILE D 148 7.23 19.14 -12.88
CA ILE D 148 6.17 19.47 -13.82
C ILE D 148 5.05 20.25 -13.13
N ASN D 149 4.12 20.80 -13.89
CA ASN D 149 2.89 21.35 -13.29
C ASN D 149 1.66 20.47 -13.57
N GLU D 150 0.50 20.91 -13.09
CA GLU D 150 -0.78 20.15 -13.13
C GLU D 150 -1.21 19.58 -14.49
N GLU D 151 -0.87 20.27 -15.59
CA GLU D 151 -1.23 19.83 -16.94
C GLU D 151 -0.30 18.72 -17.47
N GLY D 152 0.98 18.79 -17.10
CA GLY D 152 1.96 17.77 -17.48
C GLY D 152 3.20 18.28 -18.20
N LYS D 153 3.32 19.60 -18.33
CA LYS D 153 4.50 20.20 -18.96
C LYS D 153 5.60 20.44 -17.92
N PRO D 154 6.86 20.16 -18.31
CA PRO D 154 8.03 20.35 -17.44
C PRO D 154 8.29 21.82 -17.10
N ARG D 155 9.13 22.05 -16.07
CA ARG D 155 9.52 23.39 -15.60
C ARG D 155 10.99 23.44 -15.14
N ARG D 156 11.35 24.50 -14.40
CA ARG D 156 12.72 24.69 -13.91
C ARG D 156 12.86 24.54 -12.38
N LEU D 157 14.09 24.35 -11.92
CA LEU D 157 14.41 24.19 -10.49
C LEU D 157 14.51 25.54 -9.75
N PRO D 158 15.02 25.58 -8.50
CA PRO D 158 15.18 26.86 -7.78
C PRO D 158 16.09 27.86 -8.49
#